data_7I2N
#
_entry.id   7I2N
#
_cell.length_a   82.762
_cell.length_b   116.494
_cell.length_c   147.357
_cell.angle_alpha   90.00
_cell.angle_beta   90.00
_cell.angle_gamma   90.00
#
_symmetry.space_group_name_H-M   'I 2 2 2'
#
loop_
_entity.id
_entity.type
_entity.pdbx_description
1 polymer 'NS5 RNA-dependent RNA polymerase'
2 non-polymer 'ZINC ION'
3 non-polymer '2-(N-MORPHOLINO)-ETHANESULFONIC ACID'
4 non-polymer 'DIMETHYL SULFOXIDE'
5 non-polymer 'PHOSPHATE ION'
6 non-polymer DI(HYDROXYETHYL)ETHER
7 non-polymer (3M)-5-cyclobutyl-3-(1-methyl-1H-imidazol-2-yl)-1,2,4-oxadiazole
8 water water
#
_entity_poly.entity_id   1
_entity_poly.type   'polypeptide(L)'
_entity_poly.pdbx_seq_one_letter_code
;GPGIESETPNLDIIGKRIEKIKQEHETSWHYDQDHPYKTWAYHGSYETKQTGSASSMVNGVVRLLTKPWDIIPMVTQMAM
TDTTPFGQQRVFKEKVDTRTQEPKEGTKKLMKITAEWLWKELGKKKTPRMCTREEFTRKVRSNAALGAIFTDENKWKSAR
EAVEDSGFWELVDKERNLHLEGKCETCVYNMMGKREKKLGEFGKAKGSRAIWYMWLGARFLEFEALGFLNEDHWFSRENS
LSGVEGEGLHKLGYILRDVSKKEGGAMYADDTAGWDTRITLEDLKNEEMVTNHMEGEHKKLAEAIFKLTYQNKVVRVQRP
TPRGTVMDIISRRDQRGSGQVVTYGLNTFTNMEAQLIRQMEGEGVFKSIQHLTVTEEIAVKNWLVRVGRERLSRMAISGD
DCVVKPLDDRFASALTALNDMGKVRKDIQQWEPSRGWNDWTQVPFCSHHFHELIMKDGRVLVVPCRNQDELIGRARISQG
AGWSLRETACLGKSYAQMWSLMYFHRRDLRLAANAICSAVPSHWVPTSRTTWSIHATHEWMTTEDMLTVWNRVWIQENPW
MEDKTPVESWEEIPYLGKREDQWCGSLIGLTSRATWAKNIQTAINQVRSLIGNEEYTDYMPSMKRFRREEEEAGVLW
;
_entity_poly.pdbx_strand_id   A
#
# COMPACT_ATOMS: atom_id res chain seq x y z
N ASN A 10 -13.64 -13.12 26.14
CA ASN A 10 -14.72 -12.57 25.29
C ASN A 10 -15.28 -11.29 25.93
N LEU A 11 -16.47 -11.35 26.51
CA LEU A 11 -17.10 -10.11 27.03
C LEU A 11 -16.24 -9.54 28.15
N ASP A 12 -15.43 -10.39 28.79
CA ASP A 12 -14.49 -9.87 29.80
C ASP A 12 -13.50 -8.92 29.13
N ILE A 13 -13.03 -9.28 27.93
CA ILE A 13 -12.00 -8.46 27.23
C ILE A 13 -12.66 -7.29 26.50
N ILE A 14 -13.92 -7.43 26.11
CA ILE A 14 -14.59 -6.37 25.30
C ILE A 14 -15.59 -5.56 26.13
N GLY A 15 -16.23 -6.16 27.12
CA GLY A 15 -17.29 -5.47 27.89
C GLY A 15 -16.94 -4.07 28.35
N LYS A 16 -15.86 -3.92 29.10
CA LYS A 16 -15.49 -2.59 29.65
C LYS A 16 -15.60 -1.57 28.52
N ARG A 17 -14.96 -1.86 27.39
CA ARG A 17 -15.01 -0.94 26.22
C ARG A 17 -16.48 -0.68 25.86
N ILE A 18 -17.29 -1.73 25.88
CA ILE A 18 -18.73 -1.71 25.51
C ILE A 18 -19.50 -0.89 26.57
N GLU A 19 -19.30 -1.24 27.85
CA GLU A 19 -19.96 -0.61 29.03
C GLU A 19 -19.75 0.90 28.99
N LYS A 20 -18.53 1.34 28.68
CA LYS A 20 -18.13 2.77 28.69
C LYS A 20 -18.93 3.55 27.64
N ILE A 21 -19.15 2.95 26.47
CA ILE A 21 -19.90 3.59 25.34
C ILE A 21 -21.37 3.68 25.72
N LYS A 22 -21.93 2.60 26.28
CA LYS A 22 -23.34 2.54 26.74
C LYS A 22 -23.63 3.76 27.63
N GLN A 23 -22.75 4.03 28.60
CA GLN A 23 -22.91 5.18 29.55
C GLN A 23 -22.80 6.55 28.85
N GLU A 24 -21.90 6.72 27.88
CA GLU A 24 -21.75 8.00 27.13
C GLU A 24 -23.05 8.31 26.37
N HIS A 25 -23.91 7.32 26.17
CA HIS A 25 -25.17 7.44 25.39
C HIS A 25 -26.27 6.63 26.07
N GLU A 26 -26.48 6.85 27.37
CA GLU A 26 -27.49 6.15 28.24
C GLU A 26 -28.92 6.58 27.89
N THR A 27 -29.07 7.71 27.18
CA THR A 27 -30.36 8.33 26.78
C THR A 27 -30.76 7.88 25.37
N SER A 28 -30.02 6.95 24.76
CA SER A 28 -30.26 6.47 23.37
C SER A 28 -29.70 5.06 23.16
N TRP A 29 -29.76 4.22 24.19
CA TRP A 29 -29.25 2.81 24.06
C TRP A 29 -30.42 1.87 23.75
N HIS A 30 -30.24 0.97 22.78
CA HIS A 30 -31.31 0.04 22.38
C HIS A 30 -30.72 -1.19 21.68
N TYR A 31 -31.18 -2.39 22.02
CA TYR A 31 -30.72 -3.61 21.32
C TYR A 31 -31.67 -3.92 20.16
N ASP A 32 -31.60 -3.13 19.08
CA ASP A 32 -32.47 -3.37 17.91
C ASP A 32 -32.45 -4.86 17.58
N GLN A 33 -33.62 -5.49 17.50
CA GLN A 33 -33.70 -6.93 17.16
C GLN A 33 -33.71 -7.05 15.64
N ASP A 34 -33.56 -5.94 14.93
CA ASP A 34 -33.51 -5.96 13.45
C ASP A 34 -32.07 -5.75 13.00
N HIS A 35 -31.10 -6.06 13.86
CA HIS A 35 -29.67 -5.84 13.52
C HIS A 35 -29.34 -6.63 12.24
N PRO A 36 -28.62 -6.03 11.28
CA PRO A 36 -28.34 -6.69 10.00
C PRO A 36 -27.06 -7.51 10.01
N TYR A 37 -26.71 -8.11 11.16
CA TYR A 37 -25.40 -8.79 11.24
C TYR A 37 -25.55 -10.28 11.58
N LYS A 38 -24.82 -11.14 10.88
CA LYS A 38 -24.79 -12.58 11.22
C LYS A 38 -23.46 -12.93 11.89
N THR A 39 -22.34 -12.68 11.19
CA THR A 39 -20.97 -13.08 11.59
C THR A 39 -20.43 -12.13 12.65
N TRP A 40 -20.68 -10.83 12.52
CA TRP A 40 -20.27 -9.87 13.57
C TRP A 40 -21.22 -10.02 14.76
N ALA A 41 -20.74 -9.77 15.98
CA ALA A 41 -21.61 -9.85 17.18
C ALA A 41 -22.17 -8.45 17.50
N TYR A 42 -23.50 -8.32 17.53
CA TYR A 42 -24.14 -7.00 17.81
C TYR A 42 -24.39 -6.89 19.31
N HIS A 43 -24.04 -5.74 19.91
CA HIS A 43 -24.18 -5.59 21.37
C HIS A 43 -25.26 -4.57 21.71
N GLY A 44 -25.47 -3.58 20.84
CA GLY A 44 -26.46 -2.53 21.12
C GLY A 44 -26.34 -1.36 20.16
N SER A 45 -27.13 -0.31 20.36
CA SER A 45 -27.14 0.83 19.40
C SER A 45 -27.41 2.14 20.13
N TYR A 46 -27.08 3.28 19.51
CA TYR A 46 -27.27 4.64 20.09
C TYR A 46 -27.31 5.67 18.96
N GLU A 47 -28.04 6.77 19.16
CA GLU A 47 -28.28 7.84 18.14
C GLU A 47 -26.94 8.45 17.71
N THR A 48 -26.91 9.03 16.50
CA THR A 48 -25.73 9.73 15.91
C THR A 48 -26.19 10.60 14.73
N ALA A 54 -17.79 12.24 2.10
CA ALA A 54 -16.40 11.93 1.68
C ALA A 54 -16.30 11.96 0.14
N SER A 55 -16.88 12.98 -0.50
CA SER A 55 -16.94 13.16 -1.97
C SER A 55 -15.54 13.51 -2.51
N SER A 56 -15.24 13.07 -3.74
CA SER A 56 -13.96 13.30 -4.44
C SER A 56 -14.06 14.57 -5.28
N MET A 57 -13.28 15.62 -4.95
CA MET A 57 -13.40 16.94 -5.61
C MET A 57 -12.44 16.97 -6.81
N VAL A 58 -12.76 17.76 -7.83
CA VAL A 58 -11.92 17.87 -9.05
C VAL A 58 -10.85 18.95 -8.82
N ASN A 59 -9.59 18.63 -9.14
CA ASN A 59 -8.48 19.56 -9.17
C ASN A 59 -8.53 20.31 -10.50
N GLY A 60 -8.81 21.57 -10.40
CA GLY A 60 -8.99 22.40 -11.58
C GLY A 60 -7.71 22.76 -12.32
N VAL A 61 -6.61 22.92 -11.62
CA VAL A 61 -5.37 23.22 -12.34
C VAL A 61 -5.11 22.06 -13.30
N VAL A 62 -5.20 20.80 -12.83
CA VAL A 62 -4.86 19.60 -13.65
C VAL A 62 -5.90 19.48 -14.77
N ARG A 63 -7.18 19.69 -14.47
CA ARG A 63 -8.21 19.46 -15.50
C ARG A 63 -8.05 20.50 -16.63
N LEU A 64 -7.79 21.77 -16.33
CA LEU A 64 -7.65 22.81 -17.41
C LEU A 64 -6.45 22.47 -18.27
N LEU A 65 -5.47 21.74 -17.75
CA LEU A 65 -4.26 21.45 -18.57
C LEU A 65 -4.32 20.04 -19.20
N THR A 66 -5.43 19.34 -19.09
CA THR A 66 -5.69 18.03 -19.74
C THR A 66 -7.06 18.06 -20.45
N LYS A 67 -7.32 19.03 -21.31
CA LYS A 67 -8.67 19.22 -21.93
C LYS A 67 -9.10 18.02 -22.79
N PRO A 68 -8.23 17.37 -23.58
CA PRO A 68 -8.63 16.22 -24.38
C PRO A 68 -9.34 15.13 -23.55
N TRP A 69 -8.97 15.01 -22.29
CA TRP A 69 -9.49 13.92 -21.44
C TRP A 69 -10.88 14.28 -20.91
N ASP A 70 -11.39 15.49 -21.17
CA ASP A 70 -12.75 15.92 -20.69
C ASP A 70 -13.88 15.12 -21.38
N ILE A 71 -13.58 14.43 -22.49
CA ILE A 71 -14.53 13.62 -23.31
C ILE A 71 -14.20 12.12 -23.26
N ILE A 72 -13.31 11.67 -22.37
CA ILE A 72 -12.94 10.24 -22.19
C ILE A 72 -13.62 9.73 -20.94
N PRO A 73 -14.71 8.93 -21.06
CA PRO A 73 -15.42 8.42 -19.90
C PRO A 73 -14.56 7.72 -18.83
N MET A 74 -13.56 6.96 -19.21
CA MET A 74 -12.67 6.29 -18.22
C MET A 74 -12.01 7.34 -17.30
N VAL A 75 -11.68 8.54 -17.80
CA VAL A 75 -11.15 9.64 -16.97
C VAL A 75 -12.28 10.30 -16.20
N THR A 76 -13.34 10.73 -16.86
CA THR A 76 -14.35 11.63 -16.24
C THR A 76 -15.16 10.88 -15.22
N GLN A 77 -15.49 9.62 -15.46
CA GLN A 77 -16.31 8.79 -14.50
C GLN A 77 -15.56 8.61 -13.19
N MET A 78 -14.21 8.61 -13.19
CA MET A 78 -13.41 8.34 -11.98
C MET A 78 -13.76 9.37 -10.90
N ALA A 79 -14.14 10.59 -11.29
CA ALA A 79 -14.42 11.66 -10.30
C ALA A 79 -15.87 11.62 -9.78
N MET A 80 -16.75 10.72 -10.25
CA MET A 80 -18.18 10.74 -9.84
C MET A 80 -18.42 9.81 -8.63
N THR A 81 -19.57 9.95 -7.94
CA THR A 81 -20.12 8.95 -6.98
C THR A 81 -19.69 9.21 -5.54
N GLU A 94 -20.43 -6.32 1.68
CA GLU A 94 -20.93 -7.72 1.68
C GLU A 94 -19.76 -8.68 1.93
N LYS A 95 -18.53 -8.15 1.98
CA LYS A 95 -17.27 -8.92 2.20
C LYS A 95 -16.99 -9.00 3.70
N VAL A 96 -17.24 -7.90 4.43
CA VAL A 96 -16.95 -7.79 5.90
C VAL A 96 -17.81 -8.82 6.66
N ASP A 97 -19.11 -8.88 6.37
CA ASP A 97 -20.04 -9.82 7.05
C ASP A 97 -19.97 -11.13 6.25
N THR A 98 -18.90 -11.92 6.46
CA THR A 98 -18.70 -13.32 6.00
C THR A 98 -17.89 -14.05 7.08
N ARG A 99 -17.88 -15.38 7.05
CA ARG A 99 -17.17 -16.24 8.05
C ARG A 99 -16.13 -17.10 7.32
N THR A 100 -14.97 -17.31 7.95
CA THR A 100 -13.87 -18.17 7.41
C THR A 100 -13.76 -19.41 8.30
N GLN A 101 -13.78 -20.60 7.69
CA GLN A 101 -13.65 -21.90 8.39
C GLN A 101 -12.21 -22.04 8.91
N GLU A 102 -12.03 -22.71 10.05
CA GLU A 102 -10.69 -22.95 10.65
C GLU A 102 -9.96 -23.99 9.81
N PRO A 103 -8.70 -23.70 9.40
CA PRO A 103 -7.93 -24.65 8.58
C PRO A 103 -7.89 -26.04 9.23
N LYS A 104 -7.54 -27.06 8.44
CA LYS A 104 -7.25 -28.43 8.92
C LYS A 104 -6.00 -28.40 9.81
N GLU A 105 -5.81 -29.44 10.63
CA GLU A 105 -4.67 -29.55 11.58
C GLU A 105 -3.33 -29.48 10.85
N GLY A 106 -3.21 -30.15 9.70
CA GLY A 106 -2.00 -30.19 8.87
C GLY A 106 -1.66 -28.78 8.36
N THR A 107 -2.68 -28.01 7.97
CA THR A 107 -2.54 -26.59 7.52
C THR A 107 -2.00 -25.73 8.67
N LYS A 108 -2.66 -25.77 9.84
CA LYS A 108 -2.24 -25.08 11.09
C LYS A 108 -0.79 -25.41 11.46
N LYS A 109 -0.36 -26.65 11.31
CA LYS A 109 1.03 -27.03 11.65
C LYS A 109 2.00 -26.36 10.67
N LEU A 110 1.63 -26.32 9.36
CA LEU A 110 2.48 -25.79 8.25
C LEU A 110 2.72 -24.32 8.55
N MET A 111 1.65 -23.62 8.89
CA MET A 111 1.60 -22.17 9.19
C MET A 111 2.44 -21.87 10.43
N LYS A 112 2.28 -22.63 11.54
CA LYS A 112 3.00 -22.35 12.81
C LYS A 112 4.49 -22.53 12.54
N ILE A 113 4.88 -23.65 11.94
CA ILE A 113 6.32 -23.94 11.70
C ILE A 113 6.92 -22.84 10.82
N THR A 114 6.20 -22.45 9.75
CA THR A 114 6.69 -21.47 8.73
C THR A 114 6.79 -20.09 9.38
N ALA A 115 5.76 -19.67 10.10
CA ALA A 115 5.72 -18.38 10.84
C ALA A 115 6.90 -18.31 11.83
N GLU A 116 7.11 -19.36 12.63
CA GLU A 116 8.18 -19.40 13.65
C GLU A 116 9.52 -19.14 12.93
N TRP A 117 9.81 -19.90 11.90
CA TRP A 117 11.02 -19.78 11.08
C TRP A 117 11.07 -18.39 10.42
N LEU A 118 9.93 -17.82 9.99
CA LEU A 118 9.98 -16.52 9.26
C LEU A 118 10.30 -15.38 10.24
N TRP A 119 9.68 -15.33 11.42
CA TRP A 119 10.08 -14.32 12.44
C TRP A 119 11.58 -14.42 12.80
N LYS A 120 12.13 -15.62 12.97
CA LYS A 120 13.59 -15.76 13.23
C LYS A 120 14.37 -15.15 12.08
N GLU A 121 14.05 -15.42 10.80
CA GLU A 121 14.86 -14.86 9.71
C GLU A 121 14.78 -13.34 9.73
N LEU A 122 13.58 -12.79 9.97
CA LEU A 122 13.38 -11.31 9.89
C LEU A 122 14.16 -10.68 11.04
N GLY A 123 14.24 -11.42 12.15
CA GLY A 123 14.87 -11.01 13.41
C GLY A 123 16.39 -11.14 13.50
N LYS A 124 17.02 -11.83 12.55
CA LYS A 124 18.47 -12.17 12.59
C LYS A 124 19.32 -10.90 12.58
N LYS A 125 18.93 -9.88 11.80
CA LYS A 125 19.72 -8.64 11.61
C LYS A 125 18.89 -7.41 12.02
N LYS A 126 17.87 -7.62 12.86
CA LYS A 126 16.98 -6.53 13.34
C LYS A 126 16.69 -6.74 14.82
N THR A 127 16.72 -5.64 15.59
CA THR A 127 16.44 -5.63 17.05
C THR A 127 15.10 -4.95 17.31
N PRO A 128 14.08 -5.71 17.72
CA PRO A 128 12.80 -5.11 18.10
C PRO A 128 13.06 -3.95 19.07
N ARG A 129 12.12 -3.01 19.14
CA ARG A 129 12.16 -1.90 20.13
C ARG A 129 10.80 -1.20 20.14
N MET A 130 10.57 -0.33 21.12
CA MET A 130 9.35 0.51 21.25
C MET A 130 9.60 1.83 20.51
N CYS A 131 8.60 2.36 19.83
CA CYS A 131 8.68 3.67 19.16
C CYS A 131 8.23 4.70 20.22
N THR A 132 8.58 5.97 20.08
CA THR A 132 8.54 6.93 21.23
C THR A 132 7.50 8.03 20.97
N ARG A 133 6.96 8.62 22.03
CA ARG A 133 6.15 9.87 21.99
C ARG A 133 6.84 10.84 21.03
N GLU A 134 8.15 11.00 21.20
CA GLU A 134 8.99 11.92 20.42
C GLU A 134 8.77 11.59 18.93
N GLU A 135 9.02 10.35 18.51
CA GLU A 135 8.90 9.90 17.09
C GLU A 135 7.46 10.10 16.58
N PHE A 136 6.47 9.71 17.39
CA PHE A 136 5.02 9.79 17.08
C PHE A 136 4.60 11.24 16.84
N THR A 137 5.04 12.15 17.72
CA THR A 137 4.78 13.60 17.63
C THR A 137 5.27 14.13 16.27
N ARG A 138 6.58 14.05 16.03
CA ARG A 138 7.23 14.55 14.79
C ARG A 138 6.40 14.12 13.57
N LYS A 139 5.98 12.85 13.52
CA LYS A 139 5.22 12.28 12.37
C LYS A 139 3.96 13.12 12.13
N VAL A 140 3.16 13.36 13.17
CA VAL A 140 1.87 14.10 13.09
C VAL A 140 2.13 15.50 12.52
N ARG A 141 3.30 16.08 12.80
CA ARG A 141 3.68 17.45 12.35
C ARG A 141 4.11 17.47 10.87
N SER A 142 4.29 16.32 10.21
CA SER A 142 4.68 16.27 8.77
C SER A 142 3.54 15.74 7.89
N ASN A 143 2.35 15.50 8.47
CA ASN A 143 1.12 15.00 7.77
C ASN A 143 1.37 13.65 7.09
N ALA A 144 1.44 12.57 7.88
CA ALA A 144 1.28 11.16 7.43
C ALA A 144 -0.11 10.68 7.88
N ALA A 145 -0.85 9.95 7.04
CA ALA A 145 -2.20 9.42 7.34
C ALA A 145 -2.09 8.39 8.49
N LEU A 146 -2.96 8.52 9.49
CA LEU A 146 -2.98 7.68 10.73
C LEU A 146 -4.35 6.98 10.83
N LYS A 155 -12.41 16.92 22.08
CA LYS A 155 -11.65 17.70 23.09
C LYS A 155 -10.56 18.51 22.38
N TRP A 156 -9.99 17.97 21.30
CA TRP A 156 -8.97 18.63 20.43
C TRP A 156 -9.46 18.60 18.97
N LYS A 157 -9.20 19.67 18.21
CA LYS A 157 -9.61 19.79 16.79
C LYS A 157 -8.76 18.83 15.93
N SER A 158 -7.52 19.21 15.62
CA SER A 158 -6.62 18.42 14.74
C SER A 158 -5.83 17.43 15.60
N ALA A 159 -5.03 16.60 14.94
CA ALA A 159 -4.08 15.66 15.56
C ALA A 159 -2.93 16.45 16.22
N ARG A 160 -2.47 17.51 15.57
CA ARG A 160 -1.31 18.34 16.01
C ARG A 160 -1.51 18.91 17.43
N GLU A 161 -2.74 19.37 17.73
CA GLU A 161 -3.11 20.05 19.00
C GLU A 161 -3.09 19.05 20.17
N ALA A 162 -3.46 17.80 19.92
CA ALA A 162 -3.62 16.74 20.93
C ALA A 162 -2.25 16.26 21.42
N VAL A 163 -1.23 16.40 20.56
CA VAL A 163 0.16 15.92 20.80
C VAL A 163 0.88 16.90 21.74
N GLU A 164 0.30 18.08 21.96
CA GLU A 164 0.88 19.19 22.75
C GLU A 164 0.25 19.20 24.15
N ASP A 165 -1.01 18.76 24.26
CA ASP A 165 -1.81 18.80 25.51
C ASP A 165 -1.48 17.60 26.39
N SER A 166 -0.78 17.86 27.51
CA SER A 166 -0.30 16.85 28.50
C SER A 166 -1.49 16.05 29.05
N GLY A 167 -2.70 16.59 28.95
CA GLY A 167 -3.95 15.90 29.34
C GLY A 167 -4.11 14.62 28.54
N PHE A 168 -4.01 14.74 27.21
CA PHE A 168 -3.98 13.60 26.25
C PHE A 168 -3.05 12.51 26.79
N TRP A 169 -1.76 12.82 26.94
CA TRP A 169 -0.74 11.82 27.37
C TRP A 169 -1.13 11.12 28.69
N GLU A 170 -1.85 11.82 29.56
CA GLU A 170 -2.40 11.30 30.83
C GLU A 170 -3.44 10.21 30.52
N LEU A 171 -4.25 10.43 29.46
CA LEU A 171 -5.23 9.43 28.95
C LEU A 171 -4.44 8.26 28.35
N VAL A 172 -3.48 8.54 27.48
CA VAL A 172 -2.51 7.52 26.96
C VAL A 172 -1.96 6.74 28.15
N ASP A 173 -1.41 7.42 29.16
CA ASP A 173 -0.86 6.74 30.37
C ASP A 173 -1.93 5.84 30.98
N LYS A 174 -3.16 6.34 31.16
CA LYS A 174 -4.23 5.54 31.82
C LYS A 174 -4.41 4.25 31.03
N GLU A 175 -4.69 4.38 29.73
CA GLU A 175 -4.88 3.22 28.81
C GLU A 175 -3.62 2.34 28.88
N ARG A 176 -2.44 2.97 28.73
CA ARG A 176 -1.12 2.26 28.72
C ARG A 176 -1.01 1.34 29.93
N ASN A 177 -1.34 1.81 31.15
CA ASN A 177 -1.23 1.01 32.41
C ASN A 177 -2.36 -0.02 32.49
N LEU A 178 -3.52 0.30 31.93
CA LEU A 178 -4.60 -0.70 31.70
C LEU A 178 -4.08 -1.87 30.85
N HIS A 179 -3.39 -1.59 29.74
CA HIS A 179 -2.83 -2.64 28.84
C HIS A 179 -1.87 -3.59 29.59
N LEU A 180 -1.02 -3.05 30.48
CA LEU A 180 0.00 -3.81 31.25
C LEU A 180 -0.68 -4.79 32.20
N GLU A 181 -1.94 -4.55 32.58
CA GLU A 181 -2.74 -5.42 33.48
C GLU A 181 -3.54 -6.42 32.63
N GLY A 182 -3.56 -6.22 31.30
CA GLY A 182 -4.28 -7.10 30.34
C GLY A 182 -5.72 -6.67 30.15
N LYS A 183 -6.01 -5.38 30.29
CA LYS A 183 -7.38 -4.80 30.18
C LYS A 183 -7.34 -3.61 29.21
N CYS A 184 -8.48 -3.31 28.59
CA CYS A 184 -8.61 -2.21 27.57
C CYS A 184 -9.95 -1.44 27.80
N GLU A 185 -9.99 -0.14 27.48
CA GLU A 185 -11.15 0.73 27.77
C GLU A 185 -11.52 1.60 26.55
N THR A 186 -10.54 2.19 25.87
CA THR A 186 -10.81 3.26 24.88
C THR A 186 -10.32 2.86 23.48
N CYS A 187 -9.84 1.64 23.26
CA CYS A 187 -9.26 1.19 21.96
C CYS A 187 -10.36 0.53 21.11
N VAL A 188 -11.11 1.36 20.39
CA VAL A 188 -12.34 0.97 19.63
C VAL A 188 -12.24 1.46 18.18
N TYR A 189 -12.55 0.56 17.23
CA TYR A 189 -12.45 0.79 15.77
C TYR A 189 -13.75 1.37 15.24
N ASN A 190 -13.65 2.50 14.54
CA ASN A 190 -14.78 3.21 13.87
C ASN A 190 -14.67 3.00 12.36
N MET A 191 -15.60 2.23 11.77
CA MET A 191 -15.60 1.88 10.33
C MET A 191 -16.19 3.04 9.53
N MET A 192 -15.78 3.19 8.26
CA MET A 192 -16.18 4.31 7.37
C MET A 192 -15.55 4.10 5.98
N ILE A 211 -12.68 1.56 6.07
CA ILE A 211 -11.38 1.80 6.77
C ILE A 211 -11.63 1.86 8.28
N TRP A 212 -10.62 1.52 9.09
CA TRP A 212 -10.72 1.34 10.56
C TRP A 212 -9.95 2.45 11.28
N TYR A 213 -10.52 3.65 11.39
CA TYR A 213 -9.97 4.79 12.17
C TYR A 213 -10.12 4.49 13.67
N MET A 214 -9.17 4.97 14.48
CA MET A 214 -9.19 4.91 15.97
C MET A 214 -8.86 6.30 16.51
N TRP A 215 -9.01 6.51 17.83
CA TRP A 215 -8.61 7.78 18.48
C TRP A 215 -7.07 7.83 18.57
N LEU A 216 -6.50 9.00 18.31
CA LEU A 216 -5.03 9.22 18.22
C LEU A 216 -4.26 8.42 19.28
N GLY A 217 -4.78 8.31 20.51
CA GLY A 217 -4.15 7.62 21.64
C GLY A 217 -4.00 6.13 21.40
N ALA A 218 -5.05 5.46 20.93
CA ALA A 218 -4.99 4.02 20.59
C ALA A 218 -3.99 3.84 19.43
N ARG A 219 -3.93 4.78 18.48
CA ARG A 219 -2.95 4.81 17.36
C ARG A 219 -1.54 4.88 17.92
N PHE A 220 -1.34 5.72 18.93
CA PHE A 220 0.00 5.90 19.53
C PHE A 220 0.47 4.58 20.13
N LEU A 221 -0.40 3.94 20.92
CA LEU A 221 -0.11 2.70 21.69
C LEU A 221 0.16 1.55 20.70
N GLU A 222 -0.58 1.51 19.60
CA GLU A 222 -0.36 0.56 18.48
C GLU A 222 1.05 0.81 17.92
N PHE A 223 1.39 2.08 17.64
CA PHE A 223 2.66 2.52 17.03
C PHE A 223 3.83 2.24 18.00
N GLU A 224 3.62 2.52 19.29
CA GLU A 224 4.62 2.29 20.37
C GLU A 224 5.09 0.83 20.33
N ALA A 225 4.15 -0.11 20.18
CA ALA A 225 4.41 -1.56 20.28
C ALA A 225 4.88 -2.17 18.96
N LEU A 226 4.45 -1.66 17.80
CA LEU A 226 4.58 -2.40 16.51
C LEU A 226 5.12 -1.53 15.39
N GLY A 227 5.31 -0.22 15.64
CA GLY A 227 5.91 0.75 14.70
C GLY A 227 7.28 0.31 14.21
N PHE A 228 8.01 -0.42 15.04
CA PHE A 228 9.38 -0.85 14.70
C PHE A 228 9.39 -1.59 13.36
N LEU A 229 8.35 -2.40 13.07
CA LEU A 229 8.22 -3.22 11.83
C LEU A 229 8.40 -2.32 10.59
N ASN A 230 7.73 -1.19 10.57
CA ASN A 230 7.85 -0.21 9.47
C ASN A 230 9.05 0.73 9.67
N GLU A 231 9.13 1.39 10.84
CA GLU A 231 10.17 2.42 11.15
C GLU A 231 11.59 1.86 10.89
N ASP A 232 11.83 0.55 11.14
CA ASP A 232 13.16 -0.11 11.04
C ASP A 232 13.18 -1.11 9.88
N HIS A 233 12.21 -1.04 8.96
CA HIS A 233 12.36 -1.66 7.60
C HIS A 233 12.51 -3.17 7.71
N TRP A 234 11.66 -3.84 8.50
CA TRP A 234 11.66 -5.32 8.63
C TRP A 234 11.35 -6.00 7.28
N PHE A 235 10.55 -5.34 6.43
CA PHE A 235 10.06 -5.91 5.15
C PHE A 235 10.77 -5.26 3.96
N SER A 236 11.92 -4.62 4.20
CA SER A 236 12.91 -4.26 3.16
C SER A 236 13.24 -5.53 2.37
N ARG A 237 13.78 -5.40 1.15
CA ARG A 237 14.21 -6.56 0.35
C ARG A 237 15.53 -7.10 0.89
N GLU A 238 16.29 -6.28 1.62
CA GLU A 238 17.57 -6.70 2.26
C GLU A 238 17.26 -7.68 3.41
N ASN A 239 16.37 -7.30 4.33
CA ASN A 239 16.11 -8.06 5.58
C ASN A 239 15.07 -9.19 5.39
N SER A 240 14.20 -9.12 4.38
CA SER A 240 13.05 -10.05 4.17
C SER A 240 13.22 -10.91 2.90
N LEU A 241 14.02 -10.46 1.93
CA LEU A 241 14.26 -11.18 0.63
C LEU A 241 13.07 -11.15 -0.38
N SER A 242 11.83 -11.26 0.12
CA SER A 242 10.58 -11.22 -0.68
C SER A 242 9.95 -9.82 -0.66
N GLY A 243 10.22 -9.02 0.38
CA GLY A 243 9.59 -7.70 0.55
C GLY A 243 10.16 -6.66 -0.39
N VAL A 244 9.45 -5.54 -0.45
CA VAL A 244 9.86 -4.40 -1.32
C VAL A 244 9.59 -3.07 -0.57
N GLU A 245 9.45 -3.12 0.76
CA GLU A 245 9.14 -1.90 1.56
C GLU A 245 10.30 -0.90 1.43
N GLY A 246 9.97 0.35 1.13
CA GLY A 246 10.99 1.40 0.94
C GLY A 246 11.66 1.34 -0.42
N GLU A 247 11.23 0.45 -1.31
CA GLU A 247 11.97 0.29 -2.59
C GLU A 247 11.62 1.43 -3.56
N GLY A 248 10.35 1.71 -3.82
CA GLY A 248 10.01 2.73 -4.82
C GLY A 248 9.58 2.14 -6.15
N LEU A 249 8.66 2.82 -6.84
N LEU A 249 8.66 2.82 -6.84
CA LEU A 249 8.14 2.30 -8.13
CA LEU A 249 8.14 2.31 -8.14
C LEU A 249 9.26 2.20 -9.16
C LEU A 249 9.28 2.18 -9.14
N HIS A 250 10.29 3.04 -9.02
CA HIS A 250 11.44 3.03 -9.96
C HIS A 250 12.37 1.82 -9.76
N LYS A 251 12.11 1.02 -8.74
CA LYS A 251 12.95 -0.16 -8.45
C LYS A 251 12.15 -1.45 -8.65
N LEU A 252 10.82 -1.38 -8.63
CA LEU A 252 10.00 -2.63 -8.66
C LEU A 252 10.21 -3.35 -9.98
N GLY A 253 10.31 -2.62 -11.10
CA GLY A 253 10.55 -3.23 -12.42
C GLY A 253 11.87 -4.00 -12.43
N TYR A 254 12.92 -3.40 -11.89
CA TYR A 254 14.27 -4.04 -11.81
C TYR A 254 14.20 -5.27 -10.90
N ILE A 255 13.42 -5.18 -9.84
CA ILE A 255 13.28 -6.32 -8.90
C ILE A 255 12.59 -7.49 -9.62
N LEU A 256 11.50 -7.23 -10.37
CA LEU A 256 10.79 -8.31 -11.08
C LEU A 256 11.72 -8.90 -12.14
N ARG A 257 12.44 -8.07 -12.89
CA ARG A 257 13.41 -8.60 -13.91
C ARG A 257 14.45 -9.50 -13.21
N ASP A 258 14.86 -9.18 -11.98
CA ASP A 258 15.85 -10.03 -11.25
C ASP A 258 15.17 -11.36 -10.91
N VAL A 259 13.93 -11.35 -10.48
CA VAL A 259 13.24 -12.63 -10.20
C VAL A 259 13.19 -13.42 -11.51
N SER A 260 12.91 -12.77 -12.64
CA SER A 260 12.78 -13.44 -13.97
C SER A 260 14.06 -14.21 -14.29
N LYS A 261 15.21 -13.79 -13.81
CA LYS A 261 16.54 -14.37 -14.14
C LYS A 261 16.78 -15.75 -13.51
N LYS A 262 16.02 -16.07 -12.47
CA LYS A 262 16.09 -17.37 -11.76
C LYS A 262 15.51 -18.47 -12.67
N GLU A 263 16.16 -19.65 -12.67
CA GLU A 263 15.62 -20.86 -13.34
C GLU A 263 14.27 -21.14 -12.67
N GLY A 264 13.24 -21.45 -13.45
CA GLY A 264 11.98 -21.96 -12.87
C GLY A 264 10.85 -21.95 -13.89
N GLY A 265 9.62 -21.96 -13.41
CA GLY A 265 8.45 -21.92 -14.30
C GLY A 265 7.97 -20.49 -14.60
N ALA A 266 6.70 -20.36 -14.92
CA ALA A 266 6.01 -19.10 -15.16
C ALA A 266 6.07 -18.22 -13.91
N MET A 267 5.81 -16.94 -14.06
CA MET A 267 5.63 -15.99 -12.94
C MET A 267 4.13 -15.98 -12.62
N TYR A 268 3.76 -16.16 -11.35
CA TYR A 268 2.36 -16.25 -10.90
C TYR A 268 2.10 -14.99 -10.10
N ALA A 269 0.94 -14.40 -10.34
CA ALA A 269 0.51 -13.17 -9.68
C ALA A 269 -0.97 -13.26 -9.40
N ASP A 270 -1.36 -14.15 -8.50
CA ASP A 270 -2.79 -14.35 -8.16
C ASP A 270 -3.14 -13.32 -7.11
N ASP A 271 -4.14 -12.50 -7.38
CA ASP A 271 -4.84 -11.66 -6.36
C ASP A 271 -5.74 -12.56 -5.50
N THR A 272 -5.80 -12.28 -4.20
CA THR A 272 -6.78 -12.87 -3.26
C THR A 272 -8.06 -12.04 -3.31
N ALA A 273 -9.21 -12.70 -3.25
CA ALA A 273 -10.52 -12.04 -3.10
C ALA A 273 -10.68 -11.54 -1.64
N GLY A 274 -10.58 -10.22 -1.43
CA GLY A 274 -10.81 -9.53 -0.14
C GLY A 274 -9.86 -9.99 0.96
N TRP A 275 -8.56 -9.80 0.77
CA TRP A 275 -7.50 -10.38 1.65
C TRP A 275 -7.73 -10.11 3.14
N ASP A 276 -8.10 -8.87 3.51
CA ASP A 276 -8.22 -8.42 4.92
C ASP A 276 -9.41 -9.13 5.59
N THR A 277 -10.38 -9.62 4.81
CA THR A 277 -11.59 -10.32 5.33
C THR A 277 -11.28 -11.82 5.52
N ARG A 278 -10.15 -12.31 5.00
CA ARG A 278 -9.78 -13.75 4.97
C ARG A 278 -8.67 -14.04 5.98
N ILE A 279 -8.29 -13.07 6.80
CA ILE A 279 -7.28 -13.23 7.89
C ILE A 279 -7.95 -14.03 9.03
N THR A 280 -7.49 -15.26 9.26
CA THR A 280 -8.08 -16.18 10.26
C THR A 280 -7.53 -15.86 11.65
N LEU A 281 -8.18 -16.32 12.72
CA LEU A 281 -7.60 -16.18 14.07
C LEU A 281 -6.27 -16.96 14.09
N GLU A 282 -6.11 -18.01 13.29
CA GLU A 282 -4.83 -18.77 13.27
C GLU A 282 -3.72 -17.90 12.67
N ASP A 283 -4.08 -17.07 11.70
CA ASP A 283 -3.19 -16.04 11.13
C ASP A 283 -2.81 -15.02 12.22
N LEU A 284 -3.79 -14.46 12.93
CA LEU A 284 -3.51 -13.43 13.97
C LEU A 284 -2.58 -13.97 15.08
N LYS A 285 -2.71 -15.26 15.41
CA LYS A 285 -1.90 -15.98 16.42
C LYS A 285 -0.47 -16.22 15.90
N ASN A 286 -0.30 -16.48 14.61
CA ASN A 286 1.05 -16.65 14.00
C ASN A 286 1.76 -15.29 13.92
N GLU A 287 1.01 -14.21 13.72
CA GLU A 287 1.55 -12.84 13.67
C GLU A 287 2.07 -12.44 15.06
N GLU A 288 1.30 -12.76 16.10
CA GLU A 288 1.60 -12.46 17.52
C GLU A 288 2.96 -13.06 17.92
N MET A 289 3.41 -14.13 17.26
CA MET A 289 4.71 -14.76 17.60
C MET A 289 5.88 -13.79 17.40
N VAL A 290 5.70 -12.63 16.76
CA VAL A 290 6.77 -11.59 16.81
C VAL A 290 7.11 -11.26 18.28
N THR A 291 6.16 -11.32 19.23
CA THR A 291 6.41 -10.98 20.68
C THR A 291 7.44 -11.93 21.32
N ASN A 292 7.61 -13.14 20.82
CA ASN A 292 8.67 -14.07 21.28
C ASN A 292 10.08 -13.48 21.08
N HIS A 293 10.22 -12.41 20.32
CA HIS A 293 11.55 -11.84 19.97
C HIS A 293 11.80 -10.59 20.82
N MET A 294 10.85 -10.27 21.68
CA MET A 294 10.72 -9.02 22.47
C MET A 294 11.05 -9.32 23.95
N GLU A 295 11.02 -8.29 24.80
CA GLU A 295 11.40 -8.40 26.23
C GLU A 295 10.86 -7.23 27.03
N GLY A 296 10.80 -7.42 28.35
CA GLY A 296 10.42 -6.38 29.31
C GLY A 296 9.06 -5.84 28.99
N GLU A 297 8.92 -4.53 29.20
CA GLU A 297 7.70 -3.72 28.95
C GLU A 297 7.23 -3.93 27.50
N HIS A 298 8.12 -3.73 26.52
CA HIS A 298 7.77 -3.78 25.07
C HIS A 298 6.96 -5.05 24.85
N LYS A 299 7.48 -6.18 25.32
CA LYS A 299 6.87 -7.51 25.09
C LYS A 299 5.43 -7.47 25.59
N LYS A 300 5.22 -6.97 26.79
CA LYS A 300 3.87 -6.90 27.45
C LYS A 300 2.98 -5.97 26.63
N LEU A 301 3.47 -4.80 26.28
CA LEU A 301 2.71 -3.79 25.50
C LEU A 301 2.25 -4.40 24.14
N ALA A 302 3.14 -5.09 23.40
CA ALA A 302 2.87 -5.73 22.08
C ALA A 302 1.83 -6.84 22.27
N GLU A 303 2.03 -7.70 23.28
CA GLU A 303 1.09 -8.79 23.61
C GLU A 303 -0.32 -8.25 23.80
N ALA A 304 -0.46 -7.06 24.38
CA ALA A 304 -1.77 -6.46 24.69
C ALA A 304 -2.41 -5.91 23.39
N ILE A 305 -1.62 -5.24 22.54
CA ILE A 305 -2.17 -4.80 21.24
C ILE A 305 -2.75 -6.05 20.54
N PHE A 306 -1.94 -7.10 20.40
CA PHE A 306 -2.36 -8.32 19.67
C PHE A 306 -3.62 -8.92 20.31
N LYS A 307 -3.61 -9.12 21.64
CA LYS A 307 -4.68 -9.80 22.44
C LYS A 307 -5.96 -8.98 22.45
N LEU A 308 -5.87 -7.68 22.71
CA LEU A 308 -7.04 -6.87 23.11
C LEU A 308 -7.61 -6.04 21.95
N THR A 309 -6.80 -5.68 20.96
CA THR A 309 -7.24 -4.83 19.80
C THR A 309 -7.33 -5.65 18.50
N TYR A 310 -6.52 -6.69 18.31
CA TYR A 310 -6.41 -7.41 17.02
C TYR A 310 -7.26 -8.68 17.10
N GLN A 311 -6.95 -9.55 18.07
CA GLN A 311 -7.62 -10.87 18.30
C GLN A 311 -8.98 -10.74 19.00
N ASN A 312 -9.42 -9.52 19.38
CA ASN A 312 -10.73 -9.24 20.02
C ASN A 312 -11.14 -7.77 19.82
N LYS A 313 -11.75 -7.42 18.68
CA LYS A 313 -12.01 -6.01 18.26
C LYS A 313 -13.37 -5.53 18.79
N VAL A 314 -13.56 -4.21 18.84
CA VAL A 314 -14.85 -3.55 19.18
C VAL A 314 -14.89 -2.45 18.15
N VAL A 315 -16.00 -2.34 17.42
CA VAL A 315 -16.14 -1.37 16.29
C VAL A 315 -17.51 -0.69 16.37
N ARG A 316 -17.57 0.56 15.93
CA ARG A 316 -18.80 1.38 15.82
C ARG A 316 -19.07 1.66 14.34
N VAL A 317 -20.24 1.28 13.84
CA VAL A 317 -20.62 1.41 12.40
C VAL A 317 -21.90 2.23 12.27
N GLN A 318 -21.92 3.21 11.36
CA GLN A 318 -23.13 4.03 11.01
C GLN A 318 -24.09 3.21 10.16
N ARG A 319 -25.37 3.12 10.56
CA ARG A 319 -26.46 2.41 9.83
C ARG A 319 -27.60 3.41 9.57
N PRO A 320 -27.84 3.84 8.31
CA PRO A 320 -28.88 4.82 7.97
C PRO A 320 -30.31 4.58 8.52
N THR A 321 -30.73 3.32 8.65
CA THR A 321 -32.09 2.91 9.15
C THR A 321 -32.49 3.76 10.37
N THR A 325 -30.25 6.96 11.16
CA THR A 325 -28.77 6.99 11.40
C THR A 325 -28.52 6.67 12.87
N VAL A 326 -28.30 5.38 13.19
CA VAL A 326 -27.82 4.92 14.53
C VAL A 326 -26.33 4.58 14.43
N MET A 327 -25.73 4.20 15.57
CA MET A 327 -24.33 3.70 15.65
C MET A 327 -24.35 2.32 16.32
N ASP A 328 -23.96 1.27 15.59
CA ASP A 328 -23.91 -0.13 16.08
C ASP A 328 -22.57 -0.37 16.79
N ILE A 329 -22.53 -1.38 17.67
CA ILE A 329 -21.34 -1.74 18.49
C ILE A 329 -21.13 -3.26 18.40
N ILE A 330 -20.47 -3.68 17.33
CA ILE A 330 -20.25 -5.12 16.96
C ILE A 330 -18.85 -5.54 17.43
N SER A 331 -18.65 -6.83 17.66
CA SER A 331 -17.39 -7.44 18.13
C SER A 331 -17.08 -8.70 17.33
N ARG A 332 -15.86 -8.81 16.79
CA ARG A 332 -15.38 -10.01 16.07
C ARG A 332 -13.89 -10.21 16.38
N ARG A 333 -13.45 -11.48 16.45
CA ARG A 333 -12.09 -11.88 16.87
C ARG A 333 -11.18 -12.06 15.64
N ASP A 334 -11.78 -12.07 14.44
CA ASP A 334 -11.11 -12.46 13.18
C ASP A 334 -11.04 -11.26 12.23
N GLN A 335 -10.43 -11.45 11.06
CA GLN A 335 -10.25 -10.43 10.00
C GLN A 335 -9.15 -9.45 10.43
N ARG A 336 -8.66 -8.65 9.48
CA ARG A 336 -7.61 -7.65 9.70
C ARG A 336 -8.27 -6.35 10.12
N GLY A 337 -7.81 -5.81 11.26
CA GLY A 337 -8.20 -4.51 11.83
C GLY A 337 -7.05 -3.93 12.63
N SER A 338 -6.20 -3.13 11.98
CA SER A 338 -5.01 -2.50 12.59
C SER A 338 -4.92 -1.15 11.88
N GLY A 339 -3.98 -0.30 12.28
CA GLY A 339 -3.55 0.84 11.46
C GLY A 339 -3.11 0.33 10.11
N GLN A 340 -3.22 1.19 9.09
CA GLN A 340 -2.92 0.83 7.67
C GLN A 340 -1.44 0.42 7.55
N VAL A 341 -0.55 1.00 8.37
CA VAL A 341 0.91 0.71 8.27
C VAL A 341 1.24 -0.61 8.96
N VAL A 342 0.64 -0.91 10.12
CA VAL A 342 0.85 -2.25 10.75
C VAL A 342 0.15 -3.31 9.90
N THR A 343 -1.02 -3.00 9.35
CA THR A 343 -1.72 -3.85 8.34
C THR A 343 -0.79 -4.21 7.18
N TYR A 344 -0.10 -3.24 6.60
CA TYR A 344 0.80 -3.49 5.48
C TYR A 344 1.84 -4.56 5.88
N GLY A 345 2.44 -4.40 7.04
CA GLY A 345 3.58 -5.26 7.46
C GLY A 345 3.11 -6.65 7.81
N LEU A 346 1.98 -6.79 8.46
CA LEU A 346 1.46 -8.12 8.86
C LEU A 346 0.86 -8.85 7.65
N ASN A 347 0.22 -8.11 6.74
CA ASN A 347 -0.18 -8.64 5.41
C ASN A 347 1.08 -9.19 4.73
N THR A 348 2.15 -8.43 4.59
CA THR A 348 3.36 -8.90 3.88
C THR A 348 3.81 -10.21 4.55
N PHE A 349 3.85 -10.21 5.87
CA PHE A 349 4.34 -11.35 6.69
C PHE A 349 3.52 -12.60 6.36
N THR A 350 2.21 -12.49 6.44
CA THR A 350 1.30 -13.64 6.34
C THR A 350 1.27 -14.13 4.88
N ASN A 351 1.35 -13.20 3.93
CA ASN A 351 1.41 -13.52 2.48
C ASN A 351 2.74 -14.24 2.17
N MET A 352 3.85 -13.78 2.72
CA MET A 352 5.15 -14.46 2.53
C MET A 352 4.98 -15.90 3.03
N GLU A 353 4.29 -16.07 4.15
CA GLU A 353 4.08 -17.40 4.78
C GLU A 353 3.18 -18.23 3.85
N ALA A 354 2.00 -17.72 3.50
CA ALA A 354 1.11 -18.46 2.59
C ALA A 354 1.90 -18.87 1.33
N GLN A 355 2.70 -17.96 0.76
CA GLN A 355 3.27 -18.29 -0.56
C GLN A 355 4.41 -19.30 -0.41
N LEU A 356 5.19 -19.32 0.68
CA LEU A 356 6.24 -20.36 0.88
C LEU A 356 5.53 -21.73 1.01
N ILE A 357 4.35 -21.78 1.61
CA ILE A 357 3.61 -23.04 1.84
C ILE A 357 3.06 -23.54 0.51
N ARG A 358 2.51 -22.65 -0.30
CA ARG A 358 2.09 -23.04 -1.66
C ARG A 358 3.31 -23.59 -2.40
N GLN A 359 4.46 -22.92 -2.31
CA GLN A 359 5.71 -23.43 -2.90
C GLN A 359 6.01 -24.83 -2.26
N MET A 360 5.83 -25.02 -0.97
CA MET A 360 6.13 -26.37 -0.37
C MET A 360 5.25 -27.45 -1.07
N GLU A 361 3.96 -27.18 -1.19
CA GLU A 361 2.94 -28.04 -1.82
C GLU A 361 3.35 -28.43 -3.23
N GLY A 362 3.82 -27.50 -4.08
CA GLY A 362 4.15 -27.85 -5.46
C GLY A 362 5.44 -28.67 -5.57
N GLU A 363 6.34 -28.54 -4.61
CA GLU A 363 7.61 -29.27 -4.58
C GLU A 363 7.37 -30.64 -3.91
N GLY A 364 6.15 -30.90 -3.46
CA GLY A 364 5.80 -32.15 -2.76
C GLY A 364 6.59 -32.37 -1.48
N VAL A 365 6.72 -31.36 -0.62
CA VAL A 365 7.36 -31.47 0.72
C VAL A 365 6.38 -32.19 1.67
N PHE A 366 5.09 -31.93 1.52
CA PHE A 366 3.98 -32.60 2.26
C PHE A 366 2.94 -33.07 1.24
N LYS A 367 2.17 -34.10 1.59
CA LYS A 367 1.23 -34.80 0.67
C LYS A 367 -0.22 -34.36 0.95
N SER A 368 -0.57 -34.11 2.21
CA SER A 368 -1.95 -33.75 2.61
C SER A 368 -1.96 -32.76 3.76
N ILE A 369 -2.91 -31.83 3.69
CA ILE A 369 -3.18 -30.74 4.67
C ILE A 369 -3.99 -31.28 5.83
N GLN A 370 -4.52 -32.51 5.67
CA GLN A 370 -5.48 -33.13 6.62
C GLN A 370 -4.72 -33.39 7.92
N HIS A 371 -3.46 -33.80 7.78
CA HIS A 371 -2.57 -34.17 8.91
C HIS A 371 -1.13 -34.28 8.40
N LEU A 372 -0.18 -33.71 9.16
CA LEU A 372 1.27 -33.78 8.87
C LEU A 372 1.90 -34.88 9.73
N THR A 373 2.50 -35.89 9.11
CA THR A 373 3.27 -36.96 9.79
C THR A 373 4.39 -36.30 10.60
N VAL A 374 5.05 -37.05 11.47
CA VAL A 374 6.20 -36.53 12.29
C VAL A 374 7.36 -36.21 11.35
N THR A 375 7.59 -37.08 10.36
CA THR A 375 8.73 -37.00 9.40
C THR A 375 8.48 -35.87 8.38
N GLU A 376 7.20 -35.60 8.05
CA GLU A 376 6.79 -34.47 7.18
C GLU A 376 7.16 -33.16 7.85
N GLU A 377 6.88 -33.04 9.16
CA GLU A 377 7.32 -31.87 9.98
C GLU A 377 8.85 -31.70 9.86
N ILE A 378 9.62 -32.77 10.00
CA ILE A 378 11.11 -32.69 9.90
C ILE A 378 11.44 -32.20 8.50
N ALA A 379 10.72 -32.68 7.48
CA ALA A 379 11.01 -32.38 6.05
C ALA A 379 10.70 -30.91 5.74
N VAL A 380 9.57 -30.37 6.23
CA VAL A 380 9.18 -28.93 6.15
C VAL A 380 10.29 -28.09 6.81
N LYS A 381 10.66 -28.44 8.06
CA LYS A 381 11.69 -27.68 8.83
C LYS A 381 12.99 -27.67 8.04
N ASN A 382 13.33 -28.80 7.41
CA ASN A 382 14.63 -28.98 6.72
C ASN A 382 14.61 -28.25 5.36
N TRP A 383 13.45 -28.25 4.70
CA TRP A 383 13.22 -27.46 3.46
C TRP A 383 13.51 -25.98 3.79
N LEU A 384 12.86 -25.47 4.84
CA LEU A 384 13.00 -24.07 5.28
C LEU A 384 14.48 -23.75 5.53
N VAL A 385 15.22 -24.62 6.19
CA VAL A 385 16.62 -24.36 6.59
C VAL A 385 17.46 -24.47 5.34
N ARG A 386 17.18 -25.45 4.50
CA ARG A 386 18.03 -25.71 3.32
C ARG A 386 17.75 -24.63 2.24
N VAL A 387 16.49 -24.29 1.94
CA VAL A 387 16.18 -23.53 0.68
C VAL A 387 15.23 -22.35 0.91
N GLY A 388 14.77 -22.15 2.15
CA GLY A 388 13.78 -21.12 2.54
C GLY A 388 14.21 -19.75 2.03
N ARG A 389 15.48 -19.40 2.20
CA ARG A 389 15.98 -18.06 1.84
C ARG A 389 15.95 -17.97 0.31
N GLU A 390 16.38 -19.02 -0.39
CA GLU A 390 16.35 -19.06 -1.89
C GLU A 390 14.90 -18.87 -2.37
N ARG A 391 13.94 -19.51 -1.69
CA ARG A 391 12.52 -19.51 -2.09
C ARG A 391 11.88 -18.14 -1.80
N LEU A 392 12.35 -17.44 -0.78
CA LEU A 392 11.86 -16.05 -0.47
C LEU A 392 12.31 -15.12 -1.58
N SER A 393 13.50 -15.35 -2.14
CA SER A 393 14.13 -14.49 -3.17
C SER A 393 13.39 -14.65 -4.51
N ARG A 394 12.56 -15.69 -4.64
CA ARG A 394 11.80 -15.99 -5.88
C ARG A 394 10.47 -15.23 -5.89
N MET A 395 10.29 -14.31 -4.94
CA MET A 395 8.99 -13.60 -4.78
C MET A 395 9.20 -12.10 -4.54
N ALA A 396 8.22 -11.30 -4.98
CA ALA A 396 8.09 -9.88 -4.69
C ALA A 396 6.72 -9.76 -4.01
N ILE A 397 6.68 -9.35 -2.74
CA ILE A 397 5.44 -9.30 -1.94
C ILE A 397 5.30 -7.90 -1.32
N SER A 398 4.13 -7.31 -1.56
CA SER A 398 3.75 -5.99 -1.05
C SER A 398 2.36 -6.13 -0.44
N GLY A 399 2.28 -6.31 0.87
CA GLY A 399 0.98 -6.60 1.49
C GLY A 399 0.31 -7.81 0.84
N ASP A 400 -0.93 -7.66 0.42
CA ASP A 400 -1.70 -8.80 -0.14
C ASP A 400 -1.29 -9.03 -1.59
N ASP A 401 -0.35 -8.26 -2.12
CA ASP A 401 0.04 -8.39 -3.55
C ASP A 401 1.31 -9.21 -3.67
N CYS A 402 1.35 -10.18 -4.58
CA CYS A 402 2.53 -11.04 -4.79
C CYS A 402 2.79 -11.34 -6.26
N VAL A 403 4.05 -11.61 -6.51
CA VAL A 403 4.56 -12.26 -7.74
C VAL A 403 5.49 -13.40 -7.29
N VAL A 404 5.26 -14.62 -7.76
CA VAL A 404 6.07 -15.81 -7.40
C VAL A 404 6.61 -16.43 -8.68
N LYS A 405 7.92 -16.62 -8.76
CA LYS A 405 8.54 -17.47 -9.81
C LYS A 405 8.97 -18.79 -9.18
N PRO A 406 8.09 -19.80 -9.11
CA PRO A 406 8.41 -21.06 -8.45
C PRO A 406 9.42 -21.89 -9.24
N LEU A 407 9.87 -22.96 -8.58
CA LEU A 407 10.87 -23.92 -9.12
C LEU A 407 10.34 -24.49 -10.45
N ASP A 408 9.02 -24.64 -10.61
CA ASP A 408 8.41 -25.21 -11.86
C ASP A 408 6.92 -24.98 -11.80
N ASP A 409 6.18 -25.41 -12.81
CA ASP A 409 4.73 -25.07 -12.90
C ASP A 409 3.80 -26.02 -12.13
N ARG A 410 4.31 -26.88 -11.25
CA ARG A 410 3.41 -27.69 -10.40
C ARG A 410 2.69 -26.73 -9.44
N PHE A 411 3.29 -25.58 -9.16
CA PHE A 411 2.70 -24.54 -8.28
C PHE A 411 1.32 -24.13 -8.76
N ALA A 412 1.12 -24.06 -10.07
CA ALA A 412 -0.16 -23.60 -10.67
C ALA A 412 -1.35 -24.41 -10.15
N SER A 413 -1.14 -25.70 -9.88
CA SER A 413 -2.24 -26.60 -9.45
C SER A 413 -2.12 -26.96 -7.97
N ALA A 414 -1.11 -26.45 -7.26
CA ALA A 414 -0.98 -26.69 -5.80
C ALA A 414 -1.91 -25.74 -5.03
N LEU A 415 -3.18 -26.12 -4.82
CA LEU A 415 -4.23 -25.18 -4.34
C LEU A 415 -4.79 -25.56 -2.96
N THR A 416 -4.44 -26.72 -2.42
CA THR A 416 -5.20 -27.26 -1.25
C THR A 416 -4.91 -26.40 -0.01
N ALA A 417 -3.63 -26.15 0.27
CA ALA A 417 -3.20 -25.32 1.42
C ALA A 417 -3.70 -23.88 1.22
N LEU A 418 -3.51 -23.31 0.01
CA LEU A 418 -3.87 -21.89 -0.22
C LEU A 418 -5.37 -21.73 0.05
N ASN A 419 -6.21 -22.61 -0.50
CA ASN A 419 -7.69 -22.52 -0.33
C ASN A 419 -8.03 -22.80 1.14
N ASP A 420 -7.43 -23.83 1.76
CA ASP A 420 -7.72 -24.21 3.18
C ASP A 420 -7.26 -23.09 4.14
N MET A 421 -6.18 -22.35 3.82
CA MET A 421 -5.76 -21.19 4.65
C MET A 421 -6.79 -20.08 4.52
N GLY A 422 -7.75 -20.18 3.59
CA GLY A 422 -8.77 -19.14 3.32
C GLY A 422 -8.35 -18.13 2.27
N LYS A 423 -7.15 -18.21 1.70
CA LYS A 423 -6.63 -17.20 0.72
C LYS A 423 -7.08 -17.54 -0.71
N VAL A 424 -8.39 -17.55 -0.89
CA VAL A 424 -9.10 -17.91 -2.14
C VAL A 424 -8.76 -16.87 -3.20
N ARG A 425 -8.36 -17.34 -4.39
CA ARG A 425 -7.92 -16.48 -5.51
C ARG A 425 -9.14 -15.76 -6.11
N LYS A 426 -8.95 -14.51 -6.57
CA LYS A 426 -9.97 -13.68 -7.26
C LYS A 426 -10.17 -14.14 -8.73
N ASP A 427 -11.43 -14.24 -9.20
CA ASP A 427 -11.79 -14.32 -10.65
C ASP A 427 -11.19 -15.59 -11.30
N ILE A 428 -11.33 -16.73 -10.63
CA ILE A 428 -10.96 -18.08 -11.14
C ILE A 428 -11.65 -19.06 -10.21
N GLN A 429 -12.06 -20.22 -10.74
CA GLN A 429 -12.79 -21.27 -9.98
C GLN A 429 -11.83 -21.92 -8.98
N GLN A 430 -12.31 -22.14 -7.76
CA GLN A 430 -11.50 -22.51 -6.58
C GLN A 430 -10.42 -23.53 -6.96
N TRP A 431 -10.72 -24.47 -7.85
CA TRP A 431 -9.82 -25.63 -8.13
C TRP A 431 -9.24 -25.60 -9.54
N GLU A 432 -9.43 -24.51 -10.28
CA GLU A 432 -8.85 -24.31 -11.63
C GLU A 432 -7.39 -23.86 -11.47
N PRO A 433 -6.42 -24.42 -12.21
CA PRO A 433 -5.03 -24.00 -12.07
C PRO A 433 -4.77 -22.55 -12.43
N SER A 434 -3.82 -21.92 -11.73
CA SER A 434 -3.40 -20.54 -11.95
C SER A 434 -2.84 -20.44 -13.39
N ARG A 435 -3.17 -19.39 -14.09
CA ARG A 435 -2.53 -18.98 -15.38
C ARG A 435 -1.35 -18.08 -15.02
N GLY A 436 -0.15 -18.52 -15.34
CA GLY A 436 1.08 -17.77 -15.10
C GLY A 436 1.46 -16.92 -16.30
N TRP A 437 2.45 -16.05 -16.14
CA TRP A 437 2.93 -15.14 -17.18
C TRP A 437 4.31 -15.63 -17.63
N ASN A 438 4.57 -15.58 -18.93
CA ASN A 438 5.86 -16.05 -19.48
C ASN A 438 6.88 -14.94 -19.59
N ASP A 439 6.46 -13.69 -19.45
CA ASP A 439 7.33 -12.51 -19.70
C ASP A 439 7.17 -11.55 -18.51
N TRP A 440 8.26 -11.18 -17.86
CA TRP A 440 8.26 -10.30 -16.67
C TRP A 440 7.67 -8.92 -17.02
N THR A 441 7.71 -8.54 -18.28
CA THR A 441 7.14 -7.24 -18.75
C THR A 441 5.60 -7.27 -18.90
N GLN A 442 4.97 -8.42 -18.70
CA GLN A 442 3.49 -8.59 -18.77
C GLN A 442 2.89 -8.76 -17.37
N VAL A 443 3.70 -9.06 -16.36
CA VAL A 443 3.23 -9.34 -14.96
C VAL A 443 2.67 -8.10 -14.30
N PRO A 444 1.46 -8.15 -13.71
CA PRO A 444 0.95 -7.06 -12.90
C PRO A 444 1.57 -7.10 -11.50
N PHE A 445 1.92 -5.94 -10.93
CA PHE A 445 2.40 -5.78 -9.54
C PHE A 445 2.21 -4.34 -9.11
N CYS A 446 1.57 -4.14 -7.96
CA CYS A 446 1.27 -2.82 -7.33
C CYS A 446 0.62 -1.88 -8.35
N SER A 447 -0.32 -2.43 -9.14
CA SER A 447 -1.22 -1.68 -10.02
C SER A 447 -0.45 -1.26 -11.28
N HIS A 448 0.75 -1.82 -11.51
CA HIS A 448 1.62 -1.47 -12.65
C HIS A 448 2.03 -2.69 -13.47
N HIS A 449 2.53 -2.42 -14.68
CA HIS A 449 3.48 -3.29 -15.42
C HIS A 449 4.74 -2.48 -15.71
N PHE A 450 5.75 -3.13 -16.27
CA PHE A 450 7.13 -2.64 -16.37
C PHE A 450 7.67 -2.89 -17.77
N HIS A 451 8.16 -1.82 -18.41
CA HIS A 451 8.75 -1.86 -19.76
C HIS A 451 10.28 -1.83 -19.66
N GLU A 452 10.94 -2.45 -20.61
CA GLU A 452 12.40 -2.30 -20.87
C GLU A 452 12.56 -1.20 -21.93
N LEU A 453 13.36 -0.20 -21.65
CA LEU A 453 13.44 0.98 -22.52
C LEU A 453 14.90 1.34 -22.68
N ILE A 454 15.38 1.24 -23.92
CA ILE A 454 16.82 1.44 -24.22
C ILE A 454 17.02 2.90 -24.58
N MET A 455 17.89 3.56 -23.84
CA MET A 455 18.31 4.96 -24.13
C MET A 455 19.16 5.03 -25.41
N LYS A 456 19.20 6.19 -26.04
N LYS A 456 19.18 6.20 -26.04
CA LYS A 456 19.92 6.44 -27.31
CA LYS A 456 19.93 6.49 -27.30
C LYS A 456 21.41 6.10 -27.17
C LYS A 456 21.38 5.98 -27.15
N ASP A 457 21.92 5.96 -25.93
CA ASP A 457 23.34 5.54 -25.68
C ASP A 457 23.50 4.07 -25.23
N GLY A 458 22.50 3.20 -25.45
CA GLY A 458 22.55 1.75 -25.13
C GLY A 458 22.16 1.41 -23.70
N ARG A 459 22.22 2.34 -22.75
CA ARG A 459 21.90 2.04 -21.33
C ARG A 459 20.41 1.68 -21.19
N VAL A 460 20.10 0.84 -20.20
CA VAL A 460 18.76 0.20 -20.09
C VAL A 460 18.07 0.68 -18.82
N LEU A 461 16.92 1.34 -19.04
CA LEU A 461 15.93 1.74 -18.01
C LEU A 461 14.86 0.64 -17.92
N VAL A 462 14.46 0.30 -16.71
CA VAL A 462 13.23 -0.51 -16.49
C VAL A 462 12.26 0.43 -15.80
N VAL A 463 11.15 0.76 -16.46
CA VAL A 463 10.25 1.88 -16.08
C VAL A 463 8.87 1.36 -15.72
N PRO A 464 8.20 1.98 -14.73
CA PRO A 464 6.84 1.61 -14.36
C PRO A 464 5.81 2.24 -15.30
N CYS A 465 4.65 1.58 -15.45
CA CYS A 465 3.62 1.99 -16.44
C CYS A 465 2.25 1.47 -15.99
N ARG A 466 1.21 2.22 -16.26
CA ARG A 466 -0.16 1.69 -16.25
C ARG A 466 -1.01 2.48 -17.23
N ASN A 467 -2.25 2.03 -17.43
CA ASN A 467 -3.24 2.69 -18.32
C ASN A 467 -3.25 4.19 -18.00
N GLN A 468 -3.01 5.03 -19.01
CA GLN A 468 -2.80 6.48 -18.86
C GLN A 468 -4.08 7.11 -18.30
N ASP A 469 -5.25 6.64 -18.74
CA ASP A 469 -6.58 7.16 -18.30
C ASP A 469 -6.69 7.05 -16.77
N GLU A 470 -6.06 6.03 -16.16
CA GLU A 470 -6.00 5.86 -14.69
C GLU A 470 -5.09 6.94 -14.09
N LEU A 471 -3.93 7.21 -14.71
CA LEU A 471 -2.99 8.22 -14.21
C LEU A 471 -3.60 9.63 -14.28
N ILE A 472 -4.13 9.98 -15.43
CA ILE A 472 -4.75 11.31 -15.61
C ILE A 472 -5.99 11.48 -14.72
N GLY A 473 -6.78 10.40 -14.58
CA GLY A 473 -7.96 10.36 -13.69
C GLY A 473 -7.61 10.61 -12.22
N ARG A 474 -6.50 10.06 -11.72
CA ARG A 474 -6.07 10.23 -10.30
C ARG A 474 -5.60 11.68 -10.06
N ALA A 475 -4.85 12.26 -11.00
CA ALA A 475 -4.27 13.62 -10.90
C ALA A 475 -5.37 14.68 -10.77
N ARG A 476 -6.56 14.41 -11.30
CA ARG A 476 -7.69 15.38 -11.32
C ARG A 476 -8.54 15.25 -10.05
N ILE A 477 -8.28 14.25 -9.21
CA ILE A 477 -9.15 13.87 -8.05
C ILE A 477 -8.37 14.00 -6.74
N SER A 478 -9.02 14.56 -5.72
CA SER A 478 -8.58 14.58 -4.30
C SER A 478 -9.83 14.61 -3.41
N GLN A 479 -9.68 15.17 -2.21
CA GLN A 479 -10.82 15.28 -1.28
C GLN A 479 -10.80 16.62 -0.53
N GLY A 480 -11.96 17.15 -0.19
CA GLY A 480 -12.11 18.39 0.61
C GLY A 480 -12.59 19.57 -0.23
N ALA A 481 -13.47 20.38 0.36
CA ALA A 481 -14.06 21.60 -0.25
C ALA A 481 -13.41 22.85 0.35
N GLY A 482 -12.38 22.68 1.19
CA GLY A 482 -11.79 23.73 2.04
C GLY A 482 -10.56 24.37 1.42
N TRP A 483 -9.93 23.72 0.43
CA TRP A 483 -8.56 24.05 -0.06
C TRP A 483 -8.58 25.32 -0.91
N SER A 484 -7.40 25.94 -1.08
CA SER A 484 -7.19 27.19 -1.85
C SER A 484 -6.55 26.88 -3.20
N LEU A 485 -6.46 27.88 -4.08
CA LEU A 485 -5.92 27.76 -5.46
C LEU A 485 -4.44 27.37 -5.42
N ARG A 486 -3.66 28.10 -4.61
CA ARG A 486 -2.21 27.87 -4.41
C ARG A 486 -2.00 26.41 -3.97
N GLU A 487 -2.87 25.88 -3.11
CA GLU A 487 -2.79 24.49 -2.60
C GLU A 487 -3.21 23.51 -3.70
N THR A 488 -4.28 23.82 -4.44
CA THR A 488 -4.76 23.05 -5.62
C THR A 488 -3.62 22.99 -6.66
N ALA A 489 -2.94 24.11 -6.87
CA ALA A 489 -1.79 24.25 -7.81
C ALA A 489 -0.61 23.39 -7.31
N CYS A 490 -0.38 23.37 -5.99
CA CYS A 490 0.75 22.64 -5.34
C CYS A 490 0.62 21.14 -5.61
N LEU A 491 -0.61 20.59 -5.52
CA LEU A 491 -0.89 19.15 -5.77
C LEU A 491 -0.60 18.81 -7.25
N GLY A 492 -1.09 19.62 -8.19
CA GLY A 492 -0.84 19.46 -9.64
C GLY A 492 0.64 19.29 -9.93
N LYS A 493 1.47 20.14 -9.33
CA LYS A 493 2.96 20.09 -9.42
C LYS A 493 3.45 18.77 -8.82
N SER A 494 2.90 18.36 -7.67
CA SER A 494 3.23 17.08 -7.01
C SER A 494 2.95 15.91 -7.97
N TYR A 495 1.83 15.96 -8.70
CA TYR A 495 1.45 14.97 -9.74
C TYR A 495 2.36 15.13 -10.96
N ALA A 496 2.49 16.36 -11.46
CA ALA A 496 3.38 16.69 -12.61
C ALA A 496 4.80 16.20 -12.33
N GLN A 497 5.31 16.42 -11.13
CA GLN A 497 6.73 16.04 -10.83
C GLN A 497 6.82 14.51 -10.73
N MET A 498 5.78 13.85 -10.20
CA MET A 498 5.80 12.37 -10.18
C MET A 498 5.81 11.86 -11.62
N TRP A 499 4.97 12.43 -12.46
CA TRP A 499 4.87 11.99 -13.88
C TRP A 499 6.24 12.14 -14.55
N SER A 500 6.94 13.26 -14.30
N SER A 500 6.95 13.26 -14.31
CA SER A 500 8.26 13.56 -14.91
CA SER A 500 8.27 13.53 -14.96
C SER A 500 9.30 12.52 -14.46
C SER A 500 9.31 12.53 -14.45
N LEU A 501 9.16 12.01 -13.24
CA LEU A 501 10.15 11.06 -12.66
C LEU A 501 9.82 9.62 -13.01
N MET A 502 8.55 9.25 -12.99
CA MET A 502 8.11 7.83 -13.12
C MET A 502 7.61 7.54 -14.54
N TYR A 503 6.90 8.46 -15.16
CA TYR A 503 6.14 8.23 -16.40
C TYR A 503 6.66 9.13 -17.54
N PHE A 504 7.93 9.55 -17.49
CA PHE A 504 8.60 10.46 -18.47
C PHE A 504 8.49 9.87 -19.88
N HIS A 505 8.36 8.54 -19.93
CA HIS A 505 8.38 7.73 -21.18
C HIS A 505 7.00 7.69 -21.88
N ARG A 506 5.98 8.34 -21.31
CA ARG A 506 4.62 8.48 -21.92
C ARG A 506 4.54 9.92 -22.49
N ARG A 507 4.36 10.05 -23.80
CA ARG A 507 4.49 11.33 -24.50
C ARG A 507 3.51 12.30 -23.85
N ASP A 508 2.27 11.88 -23.60
CA ASP A 508 1.24 12.84 -23.15
C ASP A 508 1.56 13.33 -21.72
N LEU A 509 2.15 12.49 -20.86
CA LEU A 509 2.35 12.87 -19.44
C LEU A 509 3.58 13.77 -19.33
N ARG A 510 4.60 13.58 -20.17
CA ARG A 510 5.78 14.47 -20.17
C ARG A 510 5.31 15.85 -20.60
N LEU A 511 4.42 15.92 -21.59
CA LEU A 511 3.90 17.21 -22.09
C LEU A 511 3.06 17.84 -20.99
N ALA A 512 2.12 17.11 -20.39
CA ALA A 512 1.18 17.71 -19.42
C ALA A 512 1.97 18.12 -18.16
N ALA A 513 2.98 17.34 -17.80
CA ALA A 513 3.85 17.62 -16.63
C ALA A 513 4.57 18.95 -16.88
N ASN A 514 5.14 19.09 -18.07
CA ASN A 514 5.80 20.37 -18.45
C ASN A 514 4.80 21.53 -18.42
N ALA A 515 3.62 21.38 -18.99
CA ALA A 515 2.57 22.42 -18.91
C ALA A 515 2.20 22.73 -17.46
N ILE A 516 1.93 21.74 -16.63
CA ILE A 516 1.53 22.04 -15.22
C ILE A 516 2.67 22.82 -14.52
N CYS A 517 3.91 22.37 -14.60
CA CYS A 517 5.05 23.08 -13.95
C CYS A 517 5.22 24.48 -14.56
N SER A 518 4.86 24.72 -15.82
CA SER A 518 4.96 26.07 -16.43
C SER A 518 3.82 26.94 -15.89
N ALA A 519 2.71 26.32 -15.45
CA ALA A 519 1.46 27.06 -15.11
C ALA A 519 1.43 27.43 -13.63
N VAL A 520 2.21 26.73 -12.82
CA VAL A 520 2.30 26.93 -11.35
C VAL A 520 3.59 27.71 -11.04
N PRO A 521 3.50 28.78 -10.22
CA PRO A 521 4.68 29.58 -9.85
C PRO A 521 5.86 28.67 -9.47
N SER A 522 7.02 28.94 -10.07
N SER A 522 7.02 28.96 -10.06
CA SER A 522 8.25 28.10 -10.01
CA SER A 522 8.26 28.13 -10.03
C SER A 522 8.62 27.76 -8.57
C SER A 522 8.65 27.79 -8.59
N HIS A 523 8.48 28.71 -7.65
CA HIS A 523 8.95 28.57 -6.24
C HIS A 523 7.93 27.93 -5.30
N TRP A 524 6.67 27.84 -5.75
CA TRP A 524 5.57 27.15 -5.02
C TRP A 524 5.92 25.67 -4.93
N VAL A 525 5.99 25.14 -3.71
CA VAL A 525 6.52 23.78 -3.40
C VAL A 525 5.40 22.77 -3.60
N PRO A 526 5.69 21.56 -4.13
CA PRO A 526 4.71 20.47 -4.16
C PRO A 526 4.49 19.84 -2.77
N THR A 527 3.34 19.18 -2.59
CA THR A 527 2.90 18.55 -1.32
C THR A 527 3.83 17.39 -0.96
N ALA A 536 6.24 4.06 0.23
CA ALA A 536 7.40 4.05 -0.70
C ALA A 536 8.19 5.36 -0.59
N THR A 537 9.13 5.58 -1.51
CA THR A 537 9.92 6.83 -1.63
C THR A 537 9.19 7.83 -2.55
N HIS A 538 9.30 9.13 -2.25
N HIS A 538 9.38 9.12 -2.27
CA HIS A 538 8.61 10.25 -2.95
CA HIS A 538 8.63 10.26 -2.89
C HIS A 538 9.63 11.33 -3.31
C HIS A 538 9.64 11.35 -3.29
N GLU A 539 10.52 11.05 -4.27
CA GLU A 539 11.63 11.94 -4.69
C GLU A 539 11.08 13.18 -5.43
N TRP A 540 9.84 13.11 -5.92
CA TRP A 540 9.18 14.22 -6.65
C TRP A 540 8.71 15.36 -5.72
N MET A 541 8.67 15.11 -4.40
CA MET A 541 8.22 16.10 -3.38
C MET A 541 9.40 17.00 -2.99
N THR A 542 9.73 17.97 -3.87
CA THR A 542 10.90 18.88 -3.75
C THR A 542 10.74 20.09 -4.69
N THR A 543 11.60 21.11 -4.51
CA THR A 543 11.69 22.31 -5.38
C THR A 543 12.92 22.23 -6.30
N GLU A 544 13.83 21.28 -6.04
CA GLU A 544 15.02 21.00 -6.88
C GLU A 544 14.57 20.79 -8.33
N ASP A 545 15.42 21.13 -9.31
CA ASP A 545 15.13 20.94 -10.75
C ASP A 545 14.93 19.45 -11.03
N MET A 546 13.88 19.11 -11.80
CA MET A 546 13.45 17.69 -12.01
C MET A 546 14.50 16.95 -12.85
N LEU A 547 15.22 17.64 -13.75
CA LEU A 547 16.30 16.94 -14.53
C LEU A 547 17.40 16.44 -13.56
N THR A 548 17.66 17.15 -12.46
CA THR A 548 18.73 16.75 -11.51
C THR A 548 18.25 15.55 -10.68
N VAL A 549 17.00 15.59 -10.25
CA VAL A 549 16.40 14.43 -9.51
C VAL A 549 16.38 13.19 -10.40
N TRP A 550 16.04 13.36 -11.68
CA TRP A 550 15.99 12.21 -12.63
C TRP A 550 17.37 11.55 -12.68
N ASN A 551 18.41 12.37 -12.86
CA ASN A 551 19.79 11.83 -12.94
C ASN A 551 20.14 11.07 -11.66
N ARG A 552 19.77 11.63 -10.52
CA ARG A 552 20.11 10.99 -9.23
C ARG A 552 19.38 9.64 -9.12
N VAL A 553 18.08 9.61 -9.43
CA VAL A 553 17.25 8.38 -9.25
C VAL A 553 17.55 7.32 -10.32
N TRP A 554 17.65 7.71 -11.59
CA TRP A 554 17.78 6.71 -12.68
C TRP A 554 19.22 6.37 -13.02
N ILE A 555 20.19 7.19 -12.61
CA ILE A 555 21.61 6.96 -13.00
C ILE A 555 22.50 6.79 -11.76
N GLN A 556 22.75 7.87 -11.02
CA GLN A 556 23.70 7.84 -9.88
C GLN A 556 23.33 6.82 -8.80
N GLU A 557 22.11 6.86 -8.30
CA GLU A 557 21.70 6.00 -7.15
C GLU A 557 21.08 4.67 -7.64
N ASN A 558 21.15 4.38 -8.94
CA ASN A 558 20.49 3.19 -9.56
C ASN A 558 21.50 2.03 -9.57
N PRO A 559 21.34 0.99 -8.73
CA PRO A 559 22.35 -0.07 -8.67
C PRO A 559 22.34 -0.94 -9.92
N TRP A 560 21.31 -0.83 -10.77
CA TRP A 560 21.28 -1.63 -12.02
C TRP A 560 21.97 -0.92 -13.20
N MET A 561 22.48 0.32 -13.02
CA MET A 561 23.10 1.17 -14.09
C MET A 561 24.61 1.25 -13.79
N GLU A 562 25.47 0.60 -14.56
CA GLU A 562 26.94 0.60 -14.30
C GLU A 562 27.57 1.93 -14.76
N ASP A 563 27.24 2.42 -15.94
CA ASP A 563 27.80 3.70 -16.45
C ASP A 563 27.04 4.88 -15.82
N LYS A 564 27.73 5.79 -15.12
CA LYS A 564 27.10 6.84 -14.28
C LYS A 564 27.17 8.18 -15.01
N THR A 565 27.34 8.16 -16.32
CA THR A 565 27.40 9.42 -17.14
C THR A 565 26.08 10.15 -17.00
N PRO A 566 26.05 11.40 -16.48
CA PRO A 566 24.78 12.09 -16.31
C PRO A 566 24.16 12.36 -17.69
N VAL A 567 22.84 12.45 -17.74
CA VAL A 567 22.07 12.92 -18.92
C VAL A 567 22.08 14.46 -18.83
N GLU A 568 22.32 15.14 -19.95
CA GLU A 568 22.52 16.62 -19.96
C GLU A 568 21.20 17.36 -20.20
N SER A 569 20.20 16.74 -20.84
CA SER A 569 18.89 17.36 -21.19
C SER A 569 17.77 16.33 -21.29
N TRP A 570 16.55 16.82 -21.22
CA TRP A 570 15.35 15.96 -21.31
C TRP A 570 15.34 15.22 -22.65
N GLU A 571 15.92 15.75 -23.71
CA GLU A 571 15.81 15.08 -25.03
C GLU A 571 16.69 13.84 -25.11
N GLU A 572 17.71 13.68 -24.28
CA GLU A 572 18.46 12.38 -24.17
C GLU A 572 17.52 11.29 -23.60
N ILE A 573 16.43 11.67 -22.93
CA ILE A 573 15.59 10.71 -22.15
C ILE A 573 14.49 10.19 -23.08
N PRO A 574 14.44 8.87 -23.30
CA PRO A 574 13.59 8.29 -24.35
C PRO A 574 12.13 8.10 -23.93
N TYR A 575 11.31 7.86 -24.92
CA TYR A 575 9.89 7.45 -24.79
C TYR A 575 9.75 5.96 -25.13
N LEU A 576 8.65 5.32 -24.71
CA LEU A 576 8.21 4.06 -25.32
C LEU A 576 8.07 4.25 -26.83
N GLY A 577 8.06 3.17 -27.60
CA GLY A 577 7.67 3.20 -29.02
C GLY A 577 6.27 3.82 -29.13
N LYS A 578 5.99 4.47 -30.24
CA LYS A 578 4.70 5.20 -30.40
C LYS A 578 3.53 4.24 -30.31
N ARG A 579 3.64 3.02 -30.86
CA ARG A 579 2.52 2.06 -30.84
C ARG A 579 2.37 1.54 -29.40
N GLU A 580 3.47 1.29 -28.71
CA GLU A 580 3.40 0.88 -27.27
C GLU A 580 2.71 1.98 -26.44
N ASP A 581 3.00 3.24 -26.73
CA ASP A 581 2.44 4.37 -25.96
C ASP A 581 0.93 4.38 -26.20
N GLN A 582 0.49 4.08 -27.42
CA GLN A 582 -0.96 4.03 -27.75
C GLN A 582 -1.58 2.83 -27.04
N TRP A 583 -0.94 1.65 -27.10
CA TRP A 583 -1.42 0.45 -26.38
C TRP A 583 -1.69 0.77 -24.90
N CYS A 584 -0.82 1.57 -24.26
CA CYS A 584 -0.94 1.90 -22.84
C CYS A 584 -1.75 3.17 -22.69
N GLY A 585 -2.50 3.61 -23.73
CA GLY A 585 -3.60 4.59 -23.56
C GLY A 585 -3.29 6.00 -24.06
N SER A 586 -2.13 6.24 -24.67
CA SER A 586 -1.78 7.55 -25.30
C SER A 586 -2.85 7.97 -26.30
N LEU A 587 -3.14 9.29 -26.36
CA LEU A 587 -4.01 9.92 -27.37
C LEU A 587 -3.17 10.41 -28.53
N ILE A 588 -1.87 10.11 -28.56
CA ILE A 588 -1.03 10.52 -29.72
C ILE A 588 -1.69 9.95 -30.99
N GLY A 589 -1.79 10.76 -32.07
CA GLY A 589 -2.53 10.38 -33.29
C GLY A 589 -3.93 10.97 -33.33
N LEU A 590 -4.56 11.32 -32.20
CA LEU A 590 -5.90 11.95 -32.26
C LEU A 590 -5.77 13.46 -32.54
N THR A 591 -6.84 13.99 -33.11
CA THR A 591 -7.00 15.41 -33.53
C THR A 591 -7.13 16.27 -32.27
N SER A 592 -7.96 15.88 -31.31
CA SER A 592 -8.04 16.55 -29.98
C SER A 592 -6.62 16.72 -29.37
N ARG A 593 -5.73 15.75 -29.55
CA ARG A 593 -4.45 15.71 -28.82
C ARG A 593 -3.50 16.67 -29.53
N ALA A 594 -3.45 16.64 -30.87
CA ALA A 594 -2.64 17.58 -31.68
C ALA A 594 -3.02 19.04 -31.39
N THR A 595 -4.29 19.37 -31.34
CA THR A 595 -4.72 20.75 -31.02
C THR A 595 -4.24 21.15 -29.63
N TRP A 596 -4.41 20.25 -28.67
CA TRP A 596 -3.96 20.51 -27.28
C TRP A 596 -2.45 20.77 -27.24
N ALA A 597 -1.64 19.93 -27.86
CA ALA A 597 -0.16 20.09 -27.86
C ALA A 597 0.26 21.40 -28.51
N LYS A 598 -0.22 21.66 -29.74
CA LYS A 598 0.10 22.85 -30.55
C LYS A 598 -0.25 24.12 -29.79
N ASN A 599 -1.40 24.18 -29.16
CA ASN A 599 -1.94 25.37 -28.46
C ASN A 599 -1.69 25.31 -26.95
N ILE A 600 -0.69 24.57 -26.48
CA ILE A 600 -0.51 24.37 -24.99
C ILE A 600 -0.21 25.70 -24.25
N GLN A 601 0.50 26.63 -24.90
N GLN A 601 0.50 26.64 -24.88
CA GLN A 601 0.91 27.92 -24.28
CA GLN A 601 0.91 27.91 -24.23
C GLN A 601 -0.34 28.70 -23.86
C GLN A 601 -0.34 28.73 -23.87
N THR A 602 -1.42 28.57 -24.64
CA THR A 602 -2.73 29.22 -24.32
C THR A 602 -3.40 28.57 -23.11
N ALA A 603 -3.20 27.27 -22.86
CA ALA A 603 -3.83 26.62 -21.68
C ALA A 603 -3.01 27.05 -20.51
N ILE A 604 -1.70 27.00 -20.67
CA ILE A 604 -0.76 27.44 -19.62
C ILE A 604 -1.14 28.89 -19.18
N ASN A 605 -1.39 29.78 -20.14
CA ASN A 605 -1.72 31.20 -19.86
C ASN A 605 -3.08 31.31 -19.17
N GLN A 606 -4.06 30.48 -19.52
CA GLN A 606 -5.38 30.50 -18.85
C GLN A 606 -5.17 30.32 -17.33
N VAL A 607 -4.36 29.34 -16.96
CA VAL A 607 -4.15 28.97 -15.53
C VAL A 607 -3.33 30.07 -14.86
N ARG A 608 -2.30 30.59 -15.54
CA ARG A 608 -1.46 31.73 -15.05
C ARG A 608 -2.33 32.96 -14.75
N SER A 609 -3.27 33.28 -15.62
CA SER A 609 -4.21 34.42 -15.43
C SER A 609 -5.11 34.19 -14.20
N LEU A 610 -5.43 32.97 -13.86
CA LEU A 610 -6.35 32.70 -12.75
C LEU A 610 -5.61 32.83 -11.42
N ILE A 611 -4.43 32.25 -11.36
CA ILE A 611 -3.52 32.32 -10.19
C ILE A 611 -3.03 33.76 -9.97
N GLY A 612 -2.67 34.49 -11.05
CA GLY A 612 -2.33 35.94 -11.03
C GLY A 612 -0.86 36.25 -11.36
N ASN A 613 -0.39 37.45 -10.99
CA ASN A 613 0.94 37.99 -11.39
C ASN A 613 2.04 37.50 -10.43
N GLU A 614 2.60 36.35 -10.73
CA GLU A 614 3.53 35.57 -9.87
C GLU A 614 4.74 35.29 -10.73
N GLU A 615 5.77 34.65 -10.21
CA GLU A 615 6.99 34.37 -11.04
C GLU A 615 6.84 32.94 -11.56
N TYR A 616 6.71 32.80 -12.87
CA TYR A 616 6.58 31.52 -13.61
C TYR A 616 7.81 31.29 -14.51
N THR A 617 8.06 30.01 -14.82
CA THR A 617 9.05 29.51 -15.81
C THR A 617 8.31 28.76 -16.93
N ASP A 618 8.71 28.97 -18.18
CA ASP A 618 8.33 28.13 -19.35
C ASP A 618 9.25 26.89 -19.36
N TYR A 619 8.69 25.72 -19.03
CA TYR A 619 9.35 24.40 -19.17
C TYR A 619 9.12 23.77 -20.57
N MET A 620 8.28 24.32 -21.47
CA MET A 620 7.92 23.65 -22.78
C MET A 620 9.13 23.56 -23.75
N PRO A 621 10.07 24.54 -23.84
CA PRO A 621 11.29 24.38 -24.65
C PRO A 621 12.28 23.28 -24.23
N SER A 622 12.04 22.60 -23.09
CA SER A 622 12.72 21.35 -22.68
C SER A 622 12.37 20.18 -23.63
N MET A 623 11.32 20.34 -24.45
CA MET A 623 10.90 19.33 -25.46
C MET A 623 11.28 19.83 -26.87
N LYS A 624 11.77 18.91 -27.71
CA LYS A 624 12.22 19.16 -29.12
C LYS A 624 11.23 20.04 -29.89
N ARG A 625 9.92 19.74 -29.83
CA ARG A 625 8.89 20.31 -30.76
C ARG A 625 8.58 21.79 -30.44
N PHE A 626 8.88 22.25 -29.20
CA PHE A 626 8.65 23.63 -28.68
C PHE A 626 10.00 24.40 -28.65
N ARG A 627 11.10 23.68 -28.77
CA ARG A 627 12.46 24.27 -28.72
C ARG A 627 12.73 24.95 -30.06
N ARG A 628 11.90 25.95 -30.45
CA ARG A 628 11.99 26.67 -31.74
C ARG A 628 11.81 25.70 -32.91
#